data_7E4V
#
_entry.id   7E4V
#
_cell.length_a   42.528
_cell.length_b   42.528
_cell.length_c   155.611
_cell.angle_alpha   90.000
_cell.angle_beta   90.000
_cell.angle_gamma   120.000
#
_symmetry.space_group_name_H-M   'P 32 2 1'
#
loop_
_entity.id
_entity.type
_entity.pdbx_description
1 polymer Staufen
2 non-polymer GLYCEROL
3 water water
#
_entity_poly.entity_id   1
_entity_poly.type   'polypeptide(L)'
_entity_poly.pdbx_seq_one_letter_code
;GMVNPISRLMQIQQARKEKEPVYTLVEERGVARRREFIMEVSASGKSATGIGPTKKLAKKEAAENLLVMLGYGRS
;
_entity_poly.pdbx_strand_id   A,B
#
loop_
_chem_comp.id
_chem_comp.type
_chem_comp.name
_chem_comp.formula
GOL non-polymer GLYCEROL 'C3 H8 O3'
#
# COMPACT_ATOMS: atom_id res chain seq x y z
N MET A 2 16.85 5.39 -6.88
CA MET A 2 17.56 6.58 -7.36
C MET A 2 16.67 7.67 -7.98
N VAL A 3 15.64 7.30 -8.75
CA VAL A 3 14.69 8.29 -9.25
C VAL A 3 13.95 8.92 -8.09
N ASN A 4 13.91 10.25 -8.06
CA ASN A 4 13.18 10.98 -7.04
C ASN A 4 11.70 10.98 -7.38
N PRO A 5 10.86 10.29 -6.60
CA PRO A 5 9.43 10.24 -6.94
C PRO A 5 8.74 11.59 -6.88
N ILE A 6 9.25 12.53 -6.07
CA ILE A 6 8.71 13.89 -6.08
C ILE A 6 8.84 14.49 -7.48
N SER A 7 10.04 14.36 -8.07
CA SER A 7 10.26 14.90 -9.41
C SER A 7 9.44 14.15 -10.45
N ARG A 8 9.38 12.83 -10.33
CA ARG A 8 8.62 12.04 -11.29
C ARG A 8 7.15 12.46 -11.30
N LEU A 9 6.56 12.59 -10.11
CA LEU A 9 5.15 13.00 -10.02
C LEU A 9 4.94 14.41 -10.53
N MET A 10 5.85 15.33 -10.20
CA MET A 10 5.72 16.70 -10.69
C MET A 10 5.73 16.74 -12.21
N GLN A 11 6.64 15.98 -12.83
CA GLN A 11 6.76 15.99 -14.28
C GLN A 11 5.55 15.36 -14.94
N ILE A 12 5.01 14.28 -14.35
CA ILE A 12 3.81 13.67 -14.90
C ILE A 12 2.63 14.63 -14.86
N GLN A 13 2.45 15.33 -13.73
CA GLN A 13 1.34 16.28 -13.63
C GLN A 13 1.49 17.42 -14.64
N GLN A 14 2.71 17.92 -14.82
CA GLN A 14 2.94 18.96 -15.81
C GLN A 14 2.60 18.47 -17.22
N ALA A 15 3.04 17.25 -17.58
CA ALA A 15 2.78 16.72 -18.91
C ALA A 15 1.29 16.51 -19.16
N ARG A 16 0.52 16.19 -18.11
CA ARG A 16 -0.93 16.03 -18.21
C ARG A 16 -1.66 17.36 -18.19
N LYS A 17 -0.96 18.47 -18.03
CA LYS A 17 -1.56 19.80 -17.91
C LYS A 17 -2.50 19.90 -16.71
N GLU A 18 -2.19 19.15 -15.64
CA GLU A 18 -2.99 19.11 -14.44
C GLU A 18 -2.35 19.97 -13.35
N LYS A 19 -3.12 20.22 -12.27
CA LYS A 19 -2.61 20.93 -11.11
C LYS A 19 -1.42 20.20 -10.51
N GLU A 20 -0.44 20.98 -10.06
CA GLU A 20 0.75 20.43 -9.44
C GLU A 20 0.38 19.75 -8.11
N PRO A 21 1.16 18.78 -7.67
CA PRO A 21 0.85 18.11 -6.39
C PRO A 21 0.93 19.06 -5.21
N VAL A 22 0.11 18.80 -4.20
CA VAL A 22 0.08 19.57 -2.96
C VAL A 22 0.50 18.64 -1.82
N TYR A 23 1.51 19.05 -1.07
CA TYR A 23 2.03 18.27 0.04
C TYR A 23 1.64 18.90 1.38
N THR A 24 1.33 18.05 2.36
CA THR A 24 0.90 18.49 3.68
C THR A 24 1.61 17.65 4.73
N LEU A 25 2.26 18.32 5.71
CA LEU A 25 2.83 17.61 6.84
C LEU A 25 1.71 17.23 7.81
N VAL A 26 1.60 15.95 8.10
CA VAL A 26 0.54 15.44 8.95
C VAL A 26 0.94 15.35 10.41
N GLU A 27 2.15 14.84 10.69
CA GLU A 27 2.56 14.58 12.05
C GLU A 27 4.05 14.33 12.09
N GLU A 28 4.66 14.60 13.24
CA GLU A 28 6.01 14.09 13.51
C GLU A 28 5.98 13.37 14.84
N ARG A 29 6.37 12.09 14.83
CA ARG A 29 6.34 11.32 16.07
C ARG A 29 7.62 10.50 16.17
N GLY A 30 7.56 9.37 16.88
CA GLY A 30 8.69 8.49 17.02
C GLY A 30 9.30 8.55 18.41
N VAL A 31 10.63 8.43 18.47
CA VAL A 31 11.35 8.37 19.74
C VAL A 31 12.63 9.20 19.68
N ALA A 32 13.77 8.59 20.00
CA ALA A 32 15.05 9.29 20.08
C ALA A 32 15.51 9.79 18.72
N ARG A 33 16.60 9.22 18.19
CA ARG A 33 17.06 9.62 16.87
C ARG A 33 16.13 9.12 15.78
N ARG A 34 15.36 8.06 16.06
CA ARG A 34 14.43 7.48 15.09
C ARG A 34 13.17 8.34 15.05
N ARG A 35 13.21 9.36 14.21
CA ARG A 35 12.07 10.23 13.95
C ARG A 35 11.14 9.60 12.93
N GLU A 36 9.85 9.91 13.04
CA GLU A 36 8.84 9.39 12.13
C GLU A 36 8.02 10.59 11.66
N PHE A 37 8.21 10.98 10.41
CA PHE A 37 7.47 12.09 9.82
C PHE A 37 6.40 11.47 8.95
N ILE A 38 5.20 12.02 8.99
CA ILE A 38 4.08 11.57 8.18
C ILE A 38 3.70 12.70 7.26
N MET A 39 3.81 12.44 5.94
CA MET A 39 3.47 13.41 4.91
C MET A 39 2.29 12.90 4.11
N GLU A 40 1.51 13.84 3.58
CA GLU A 40 0.41 13.50 2.69
C GLU A 40 0.57 14.28 1.39
N VAL A 41 0.17 13.69 0.27
CA VAL A 41 0.22 14.36 -1.01
C VAL A 41 -1.08 14.12 -1.76
N SER A 42 -1.54 15.14 -2.50
CA SER A 42 -2.73 15.03 -3.33
C SER A 42 -2.38 15.48 -4.74
N ALA A 43 -2.83 14.72 -5.73
CA ALA A 43 -2.69 15.09 -7.14
C ALA A 43 -3.59 14.20 -7.96
N SER A 44 -4.11 14.73 -9.06
CA SER A 44 -4.86 13.96 -10.06
C SER A 44 -6.06 13.24 -9.44
N GLY A 45 -6.70 13.86 -8.45
CA GLY A 45 -7.90 13.32 -7.86
C GLY A 45 -7.72 12.28 -6.78
N LYS A 46 -6.48 12.01 -6.37
CA LYS A 46 -6.19 11.01 -5.34
C LYS A 46 -5.22 11.59 -4.33
N SER A 47 -5.12 10.92 -3.19
CA SER A 47 -4.20 11.34 -2.15
C SER A 47 -3.54 10.10 -1.55
N ALA A 48 -2.36 10.30 -0.96
CA ALA A 48 -1.66 9.20 -0.32
C ALA A 48 -0.80 9.76 0.79
N THR A 49 -0.45 8.91 1.74
CA THR A 49 0.45 9.27 2.81
C THR A 49 1.74 8.47 2.70
N GLY A 50 2.76 8.98 3.38
CA GLY A 50 4.04 8.28 3.45
C GLY A 50 4.76 8.63 4.72
N ILE A 51 5.63 7.73 5.16
CA ILE A 51 6.32 7.87 6.44
C ILE A 51 7.80 7.73 6.16
N GLY A 52 8.62 8.48 6.90
CA GLY A 52 10.04 8.40 6.76
C GLY A 52 10.74 9.05 7.93
N PRO A 53 12.05 8.79 8.06
CA PRO A 53 12.81 9.35 9.19
C PRO A 53 13.17 10.81 9.05
N THR A 54 13.00 11.41 7.88
CA THR A 54 13.10 12.86 7.72
C THR A 54 11.88 13.32 6.95
N LYS A 55 11.63 14.62 6.97
CA LYS A 55 10.52 15.14 6.19
C LYS A 55 10.69 14.82 4.72
N LYS A 56 11.90 14.98 4.18
CA LYS A 56 12.08 14.73 2.75
C LYS A 56 11.86 13.27 2.39
N LEU A 57 12.33 12.36 3.24
CA LEU A 57 12.11 10.93 2.98
C LEU A 57 10.62 10.58 3.05
N ALA A 58 9.89 11.18 4.00
CA ALA A 58 8.45 10.94 4.08
C ALA A 58 7.75 11.50 2.85
N LYS A 59 8.20 12.66 2.39
CA LYS A 59 7.64 13.27 1.19
C LYS A 59 7.83 12.35 -0.02
N LYS A 60 9.03 11.79 -0.15
CA LYS A 60 9.30 10.88 -1.26
C LYS A 60 8.44 9.63 -1.16
N GLU A 61 8.26 9.10 0.04
CA GLU A 61 7.41 7.93 0.20
C GLU A 61 5.96 8.25 -0.15
N ALA A 62 5.48 9.43 0.24
CA ALA A 62 4.11 9.82 -0.11
C ALA A 62 3.94 9.90 -1.62
N ALA A 63 4.90 10.54 -2.30
CA ALA A 63 4.83 10.65 -3.75
C ALA A 63 4.88 9.27 -4.41
N GLU A 64 5.73 8.40 -3.89
CA GLU A 64 5.81 7.05 -4.45
C GLU A 64 4.48 6.31 -4.29
N ASN A 65 3.86 6.42 -3.12
CA ASN A 65 2.59 5.74 -2.90
C ASN A 65 1.48 6.32 -3.78
N LEU A 66 1.50 7.63 -4.02
CA LEU A 66 0.52 8.23 -4.91
C LEU A 66 0.74 7.81 -6.35
N LEU A 67 1.99 7.76 -6.79
CA LEU A 67 2.27 7.30 -8.16
C LEU A 67 1.75 5.88 -8.37
N VAL A 68 1.92 5.01 -7.37
CA VAL A 68 1.40 3.65 -7.46
C VAL A 68 -0.12 3.66 -7.52
N MET A 69 -0.77 4.46 -6.65
CA MET A 69 -2.22 4.54 -6.65
C MET A 69 -2.75 5.02 -7.99
N LEU A 70 -2.03 5.94 -8.64
CA LEU A 70 -2.45 6.53 -9.91
C LEU A 70 -2.13 5.63 -11.10
N GLY A 71 -1.50 4.48 -10.91
CA GLY A 71 -1.27 3.57 -12.01
C GLY A 71 0.02 3.76 -12.76
N TYR A 72 0.97 4.49 -12.21
CA TYR A 72 2.24 4.74 -12.90
C TYR A 72 3.34 3.79 -12.46
N GLY A 73 3.06 2.86 -11.55
CA GLY A 73 4.02 1.87 -11.13
C GLY A 73 5.01 2.41 -10.12
N ARG A 74 5.75 1.47 -9.53
CA ARG A 74 6.76 1.81 -8.54
C ARG A 74 7.94 2.51 -9.21
N SER A 75 8.65 3.29 -8.39
CA SER A 75 9.74 4.20 -8.78
C SER A 75 9.21 5.41 -9.56
N GLY B 1 3.60 1.80 11.73
CA GLY B 1 2.84 2.44 10.67
C GLY B 1 1.34 2.17 10.75
N MET B 2 0.92 1.03 10.20
CA MET B 2 -0.45 0.56 10.30
C MET B 2 -0.41 -0.95 10.44
N VAL B 3 -1.50 -1.54 10.94
CA VAL B 3 -1.56 -2.99 11.05
C VAL B 3 -1.48 -3.60 9.66
N ASN B 4 -0.48 -4.45 9.48
CA ASN B 4 -0.28 -5.16 8.22
C ASN B 4 -1.12 -6.42 8.28
N PRO B 5 -2.14 -6.57 7.43
CA PRO B 5 -3.00 -7.76 7.51
C PRO B 5 -2.28 -9.06 7.21
N ILE B 6 -1.22 -9.02 6.40
CA ILE B 6 -0.42 -10.22 6.18
C ILE B 6 0.18 -10.69 7.49
N SER B 7 0.77 -9.76 8.25
CA SER B 7 1.36 -10.10 9.54
C SER B 7 0.31 -10.53 10.55
N ARG B 8 -0.83 -9.83 10.58
CA ARG B 8 -1.88 -10.17 11.52
C ARG B 8 -2.37 -11.60 11.29
N LEU B 9 -2.63 -11.96 10.03
CA LEU B 9 -3.10 -13.30 9.70
C LEU B 9 -2.03 -14.35 10.02
N MET B 10 -0.77 -14.05 9.70
CA MET B 10 0.33 -14.96 10.01
C MET B 10 0.41 -15.23 11.52
N GLN B 11 0.29 -14.18 12.33
CA GLN B 11 0.39 -14.35 13.78
C GLN B 11 -0.78 -15.15 14.34
N ILE B 12 -1.97 -14.93 13.80
CA ILE B 12 -3.13 -15.70 14.25
C ILE B 12 -2.96 -17.18 13.94
N GLN B 13 -2.50 -17.50 12.72
CA GLN B 13 -2.29 -18.90 12.36
C GLN B 13 -1.21 -19.55 13.23
N GLN B 14 -0.14 -18.81 13.52
CA GLN B 14 0.88 -19.33 14.42
C GLN B 14 0.33 -19.61 15.81
N ALA B 15 -0.50 -18.70 16.35
CA ALA B 15 -1.04 -18.95 17.69
C ALA B 15 -1.97 -20.15 17.70
N ARG B 16 -2.69 -20.38 16.59
CA ARG B 16 -3.56 -21.55 16.49
C ARG B 16 -2.78 -22.81 16.15
N LYS B 17 -1.48 -22.70 15.92
CA LYS B 17 -0.63 -23.81 15.53
C LYS B 17 -1.14 -24.48 14.26
N GLU B 18 -1.73 -23.68 13.37
CA GLU B 18 -2.30 -24.16 12.13
C GLU B 18 -1.35 -23.87 10.99
N LYS B 19 -1.65 -24.45 9.83
CA LYS B 19 -0.84 -24.23 8.65
C LYS B 19 -0.78 -22.73 8.32
N GLU B 20 0.40 -22.26 7.93
CA GLU B 20 0.57 -20.86 7.57
C GLU B 20 -0.23 -20.53 6.31
N PRO B 21 -0.60 -19.26 6.12
CA PRO B 21 -1.38 -18.91 4.92
C PRO B 21 -0.59 -19.14 3.64
N VAL B 22 -1.31 -19.49 2.58
CA VAL B 22 -0.73 -19.71 1.26
C VAL B 22 -1.27 -18.64 0.33
N TYR B 23 -0.38 -17.91 -0.31
CA TYR B 23 -0.74 -16.87 -1.26
C TYR B 23 -0.46 -17.34 -2.68
N THR B 24 -1.39 -17.02 -3.59
CA THR B 24 -1.32 -17.45 -4.98
C THR B 24 -1.65 -16.26 -5.86
N LEU B 25 -0.82 -16.00 -6.87
CA LEU B 25 -1.18 -14.97 -7.85
C LEU B 25 -2.27 -15.52 -8.76
N VAL B 26 -3.38 -14.80 -8.83
CA VAL B 26 -4.49 -15.22 -9.68
C VAL B 26 -4.36 -14.63 -11.07
N GLU B 27 -4.02 -13.35 -11.17
CA GLU B 27 -3.97 -12.71 -12.48
C GLU B 27 -3.26 -11.38 -12.39
N GLU B 28 -2.66 -10.96 -13.51
CA GLU B 28 -2.24 -9.58 -13.73
C GLU B 28 -2.99 -9.14 -14.96
N ARG B 29 -3.76 -8.08 -14.84
CA ARG B 29 -4.57 -7.66 -15.96
C ARG B 29 -4.62 -6.15 -16.04
N GLY B 30 -5.07 -5.66 -17.19
CA GLY B 30 -5.28 -4.24 -17.37
C GLY B 30 -4.21 -3.58 -18.23
N VAL B 31 -4.60 -2.51 -18.89
CA VAL B 31 -3.75 -1.76 -19.81
C VAL B 31 -3.31 -0.47 -19.12
N ALA B 32 -2.03 -0.14 -19.26
CA ALA B 32 -1.49 1.18 -18.88
C ALA B 32 -1.80 1.48 -17.43
N ARG B 33 -2.49 2.59 -17.12
CA ARG B 33 -2.73 2.97 -15.73
C ARG B 33 -3.70 2.06 -15.01
N ARG B 34 -4.36 1.14 -15.73
CA ARG B 34 -5.31 0.23 -15.13
C ARG B 34 -4.70 -1.12 -14.78
N ARG B 35 -3.39 -1.28 -14.93
CA ARG B 35 -2.75 -2.54 -14.59
C ARG B 35 -2.95 -2.84 -13.11
N GLU B 36 -3.38 -4.08 -12.83
CA GLU B 36 -3.62 -4.49 -11.46
C GLU B 36 -3.33 -5.98 -11.31
N PHE B 37 -3.18 -6.37 -10.07
CA PHE B 37 -2.94 -7.74 -9.67
C PHE B 37 -4.12 -8.28 -8.87
N ILE B 38 -4.45 -9.54 -9.07
CA ILE B 38 -5.45 -10.24 -8.27
C ILE B 38 -4.71 -11.34 -7.54
N MET B 39 -4.78 -11.31 -6.21
CA MET B 39 -4.11 -12.30 -5.38
C MET B 39 -5.16 -13.11 -4.62
N GLU B 40 -4.82 -14.34 -4.28
CA GLU B 40 -5.67 -15.18 -3.45
C GLU B 40 -4.88 -15.66 -2.24
N VAL B 41 -5.56 -15.80 -1.12
CA VAL B 41 -4.94 -16.34 0.09
C VAL B 41 -5.87 -17.40 0.66
N SER B 42 -5.28 -18.47 1.19
CA SER B 42 -6.05 -19.53 1.83
C SER B 42 -5.42 -19.80 3.18
N ALA B 43 -6.26 -19.92 4.21
CA ALA B 43 -5.81 -20.28 5.55
C ALA B 43 -7.04 -20.71 6.35
N SER B 44 -6.82 -21.65 7.27
CA SER B 44 -7.84 -22.05 8.23
C SER B 44 -9.14 -22.49 7.58
N GLY B 45 -9.06 -23.12 6.41
CA GLY B 45 -10.23 -23.68 5.77
C GLY B 45 -11.01 -22.74 4.89
N LYS B 46 -10.56 -21.50 4.71
CA LYS B 46 -11.26 -20.53 3.89
C LYS B 46 -10.26 -19.89 2.95
N SER B 47 -10.77 -19.21 1.92
CA SER B 47 -9.94 -18.50 0.97
C SER B 47 -10.59 -17.16 0.63
N ALA B 48 -9.78 -16.22 0.19
CA ALA B 48 -10.29 -14.91 -0.19
C ALA B 48 -9.38 -14.34 -1.25
N THR B 49 -9.92 -13.39 -2.01
CA THR B 49 -9.14 -12.71 -3.03
C THR B 49 -9.02 -11.23 -2.69
N GLY B 50 -8.05 -10.59 -3.33
CA GLY B 50 -7.85 -9.15 -3.19
C GLY B 50 -7.19 -8.58 -4.43
N ILE B 51 -7.42 -7.30 -4.67
CA ILE B 51 -6.97 -6.62 -5.88
C ILE B 51 -6.21 -5.35 -5.51
N GLY B 52 -5.14 -5.07 -6.24
CA GLY B 52 -4.36 -3.87 -6.03
C GLY B 52 -3.41 -3.58 -7.17
N PRO B 53 -2.83 -2.37 -7.18
CA PRO B 53 -1.92 -1.99 -8.28
C PRO B 53 -0.53 -2.59 -8.18
N THR B 54 -0.18 -3.21 -7.05
CA THR B 54 1.03 -4.02 -6.96
C THR B 54 0.66 -5.36 -6.34
N LYS B 55 1.57 -6.32 -6.50
CA LYS B 55 1.35 -7.64 -5.92
C LYS B 55 1.21 -7.54 -4.41
N LYS B 56 2.06 -6.74 -3.76
CA LYS B 56 2.00 -6.67 -2.30
C LYS B 56 0.70 -6.01 -1.83
N LEU B 57 0.23 -4.97 -2.52
CA LEU B 57 -1.04 -4.36 -2.14
C LEU B 57 -2.21 -5.32 -2.33
N ALA B 58 -2.20 -6.10 -3.42
CA ALA B 58 -3.25 -7.09 -3.62
C ALA B 58 -3.19 -8.18 -2.55
N LYS B 59 -1.97 -8.57 -2.15
CA LYS B 59 -1.79 -9.57 -1.10
C LYS B 59 -2.39 -9.06 0.20
N LYS B 60 -2.16 -7.79 0.53
CA LYS B 60 -2.72 -7.23 1.75
C LYS B 60 -4.23 -7.20 1.70
N GLU B 61 -4.82 -6.85 0.55
CA GLU B 61 -6.26 -6.84 0.45
C GLU B 61 -6.82 -8.24 0.61
N ALA B 62 -6.15 -9.24 0.03
CA ALA B 62 -6.61 -10.62 0.18
C ALA B 62 -6.59 -11.04 1.64
N ALA B 63 -5.50 -10.74 2.35
CA ALA B 63 -5.40 -11.10 3.76
C ALA B 63 -6.48 -10.41 4.57
N GLU B 64 -6.72 -9.13 4.29
CA GLU B 64 -7.77 -8.39 4.99
C GLU B 64 -9.13 -9.04 4.76
N ASN B 65 -9.42 -9.43 3.51
CA ASN B 65 -10.71 -10.07 3.23
C ASN B 65 -10.82 -11.43 3.90
N LEU B 66 -9.72 -12.18 3.98
CA LEU B 66 -9.78 -13.47 4.66
C LEU B 66 -9.98 -13.30 6.17
N LEU B 67 -9.29 -12.33 6.78
CA LEU B 67 -9.48 -12.08 8.21
C LEU B 67 -10.94 -11.78 8.53
N VAL B 68 -11.61 -11.01 7.67
CA VAL B 68 -13.03 -10.74 7.86
C VAL B 68 -13.86 -12.02 7.72
N MET B 69 -13.54 -12.83 6.70
N MET B 69 -13.55 -12.84 6.70
CA MET B 69 -14.26 -14.09 6.49
CA MET B 69 -14.27 -14.09 6.51
C MET B 69 -14.10 -15.03 7.67
C MET B 69 -14.13 -15.01 7.71
N LEU B 70 -12.95 -15.02 8.32
CA LEU B 70 -12.69 -15.90 9.45
C LEU B 70 -13.26 -15.36 10.75
N GLY B 71 -13.90 -14.21 10.73
CA GLY B 71 -14.57 -13.66 11.91
C GLY B 71 -13.72 -12.78 12.78
N TYR B 72 -12.55 -12.36 12.30
CA TYR B 72 -11.62 -11.59 13.11
C TYR B 72 -11.77 -10.09 12.92
N GLY B 73 -12.68 -9.65 12.06
CA GLY B 73 -12.94 -8.24 11.89
C GLY B 73 -11.91 -7.54 11.03
N ARG B 74 -12.22 -6.30 10.68
CA ARG B 74 -11.32 -5.47 9.91
C ARG B 74 -10.15 -5.03 10.77
N SER B 75 -8.96 -5.01 10.17
CA SER B 75 -7.69 -4.55 10.74
C SER B 75 -6.59 -5.10 9.86
C1 GOL C . -7.90 10.46 -15.32
O1 GOL C . -6.90 9.68 -14.84
C2 GOL C . -8.14 9.99 -16.75
O2 GOL C . -9.40 10.35 -17.21
C3 GOL C . -7.08 10.65 -17.54
O3 GOL C . -6.57 9.66 -18.34
#